data_7P1M
#
_entry.id   7P1M
#
_cell.length_a   54.360
_cell.length_b   61.820
_cell.length_c   84.590
_cell.angle_alpha   90.00
_cell.angle_beta   90.00
_cell.angle_gamma   90.00
#
_symmetry.space_group_name_H-M   'P 21 21 21'
#
loop_
_entity.id
_entity.type
_entity.pdbx_description
1 polymer Galectin-8
2 non-polymer '2-[[(2R,3R,4R)-2-(hydroxymethyl)-3-oxidanyl-3,4-dihydro-2H-pyran-4-yl]oxymethyl]-3-methyl-benzimidazole-5-carboxylic acid'
3 non-polymer 'CHLORIDE ION'
4 water water
#
_entity_poly.entity_id   1
_entity_poly.type   'polypeptide(L)'
_entity_poly.pdbx_seq_one_letter_code
;NNLQNIIYNPVIPFVGTIPDQLDPGTLIVIRGHVPSDADRFQVDLQNGSSMKPRADVAFHFNPRFKRAGCIVCNTLINEK
WGREEITYDTPFKREKSFEIVIMVLKDKFQVAVNGKHTLLYGHRIGPEKIDTLGIYGKVNIHSIGFSFSSD
;
_entity_poly.pdbx_strand_id   A,B
#
# COMPACT_ATOMS: atom_id res chain seq x y z
N ASN A 2 -2.13 -0.81 -14.07
CA ASN A 2 -0.70 -0.33 -14.04
C ASN A 2 0.30 -1.50 -14.09
N LEU A 3 -0.10 -2.76 -14.39
CA LEU A 3 0.75 -3.97 -14.15
C LEU A 3 1.61 -4.31 -15.40
N GLN A 4 2.93 -4.47 -15.19
CA GLN A 4 3.91 -4.80 -16.26
C GLN A 4 4.51 -6.19 -15.95
N ASN A 5 4.01 -7.22 -16.65
CA ASN A 5 4.51 -8.60 -16.46
C ASN A 5 5.93 -8.65 -16.99
N ILE A 6 6.88 -9.03 -16.15
N ILE A 6 6.85 -9.05 -16.12
CA ILE A 6 8.24 -9.37 -16.65
CA ILE A 6 8.23 -9.39 -16.56
C ILE A 6 8.17 -10.72 -17.38
C ILE A 6 8.18 -10.73 -17.32
N ILE A 7 7.16 -11.58 -17.11
CA ILE A 7 7.24 -12.96 -17.68
C ILE A 7 6.03 -13.84 -17.44
N TYR A 8 5.75 -14.70 -18.42
CA TYR A 8 4.74 -15.77 -18.29
C TYR A 8 5.35 -17.16 -18.34
N ASN A 9 4.79 -18.08 -17.57
CA ASN A 9 5.09 -19.52 -17.59
C ASN A 9 6.60 -19.72 -17.48
N PRO A 10 7.28 -19.08 -16.51
CA PRO A 10 8.71 -19.34 -16.37
C PRO A 10 9.02 -20.75 -15.88
N VAL A 11 10.07 -21.32 -16.43
CA VAL A 11 10.71 -22.53 -15.88
C VAL A 11 11.16 -22.22 -14.45
N ILE A 12 10.96 -23.17 -13.55
CA ILE A 12 11.36 -23.08 -12.13
C ILE A 12 12.54 -24.03 -11.98
N PRO A 13 13.65 -23.58 -11.38
CA PRO A 13 13.80 -22.27 -10.76
C PRO A 13 13.88 -21.11 -11.75
N PHE A 14 13.28 -19.99 -11.35
CA PHE A 14 13.30 -18.73 -12.12
C PHE A 14 14.10 -17.71 -11.31
N VAL A 15 15.03 -17.04 -11.97
CA VAL A 15 15.74 -15.88 -11.37
C VAL A 15 15.70 -14.78 -12.41
N GLY A 16 15.15 -13.64 -12.03
CA GLY A 16 15.08 -12.47 -12.93
C GLY A 16 15.45 -11.16 -12.25
N THR A 17 16.05 -10.27 -13.04
CA THR A 17 16.30 -8.90 -12.61
C THR A 17 14.98 -8.15 -12.52
N ILE A 18 14.82 -7.42 -11.43
CA ILE A 18 13.66 -6.50 -11.25
C ILE A 18 13.99 -5.21 -11.97
N PRO A 19 13.22 -4.80 -12.98
CA PRO A 19 13.66 -3.72 -13.85
C PRO A 19 13.53 -2.29 -13.30
N ASP A 20 13.00 -2.10 -12.10
CA ASP A 20 12.93 -0.80 -11.43
C ASP A 20 13.02 -1.05 -9.92
N GLN A 21 13.20 0.00 -9.16
CA GLN A 21 13.34 -0.11 -7.69
C GLN A 21 11.98 -0.49 -7.09
N LEU A 22 11.99 -1.28 -6.01
CA LEU A 22 10.79 -1.59 -5.22
C LEU A 22 10.57 -0.41 -4.28
N ASP A 23 10.13 0.71 -4.83
CA ASP A 23 9.72 1.91 -4.07
C ASP A 23 8.43 1.62 -3.31
N PRO A 24 8.22 2.29 -2.15
CA PRO A 24 6.96 2.18 -1.41
C PRO A 24 5.77 2.41 -2.38
N GLY A 25 4.79 1.49 -2.33
CA GLY A 25 3.64 1.51 -3.25
C GLY A 25 3.78 0.50 -4.36
N THR A 26 4.96 -0.08 -4.57
CA THR A 26 5.17 -1.07 -5.64
C THR A 26 4.41 -2.36 -5.29
N LEU A 27 3.79 -2.94 -6.32
CA LEU A 27 3.17 -4.28 -6.17
C LEU A 27 3.94 -5.31 -7.01
N ILE A 28 4.06 -6.50 -6.45
CA ILE A 28 4.55 -7.71 -7.14
C ILE A 28 3.40 -8.69 -7.16
N VAL A 29 3.04 -9.14 -8.34
CA VAL A 29 1.85 -10.01 -8.53
C VAL A 29 2.33 -11.32 -9.14
N ILE A 30 2.09 -12.40 -8.42
CA ILE A 30 2.58 -13.75 -8.84
C ILE A 30 1.37 -14.66 -8.88
N ARG A 31 1.10 -15.20 -10.05
N ARG A 31 1.10 -15.19 -10.05
CA ARG A 31 -0.04 -16.14 -10.27
CA ARG A 31 -0.05 -16.12 -10.29
C ARG A 31 0.54 -17.52 -10.51
C ARG A 31 0.53 -17.51 -10.51
N GLY A 32 -0.03 -18.54 -9.87
CA GLY A 32 0.49 -19.90 -10.03
C GLY A 32 -0.39 -20.95 -9.41
N HIS A 33 0.18 -22.13 -9.26
CA HIS A 33 -0.53 -23.37 -8.84
C HIS A 33 0.43 -24.34 -8.16
N VAL A 34 -0.02 -24.87 -7.04
CA VAL A 34 0.78 -25.80 -6.20
C VAL A 34 0.53 -27.20 -6.66
N PRO A 35 1.55 -27.93 -7.14
CA PRO A 35 1.36 -29.33 -7.54
C PRO A 35 0.97 -30.18 -6.33
N SER A 36 0.37 -31.34 -6.62
CA SER A 36 -0.28 -32.20 -5.60
C SER A 36 0.75 -32.81 -4.65
N ASP A 37 2.01 -32.92 -5.04
CA ASP A 37 3.08 -33.50 -4.18
C ASP A 37 3.99 -32.42 -3.61
N ALA A 38 3.61 -31.14 -3.58
CA ALA A 38 4.50 -30.06 -3.14
C ALA A 38 4.86 -30.26 -1.68
N ASP A 39 6.15 -30.08 -1.36
CA ASP A 39 6.66 -29.99 0.03
C ASP A 39 6.71 -28.51 0.41
N ARG A 40 7.26 -27.68 -0.47
CA ARG A 40 7.51 -26.25 -0.19
C ARG A 40 7.86 -25.59 -1.54
N PHE A 41 7.67 -24.29 -1.59
CA PHE A 41 8.26 -23.44 -2.64
C PHE A 41 8.62 -22.13 -1.94
N GLN A 42 9.30 -21.26 -2.66
CA GLN A 42 9.65 -19.95 -2.08
C GLN A 42 9.72 -18.91 -3.16
N VAL A 43 9.38 -17.70 -2.76
CA VAL A 43 9.58 -16.45 -3.52
C VAL A 43 10.62 -15.66 -2.72
N ASP A 44 11.77 -15.40 -3.33
CA ASP A 44 12.91 -14.70 -2.67
C ASP A 44 13.15 -13.37 -3.38
N LEU A 45 13.10 -12.29 -2.60
CA LEU A 45 13.49 -10.98 -3.10
C LEU A 45 14.95 -10.78 -2.67
N GLN A 46 15.84 -10.75 -3.65
CA GLN A 46 17.29 -10.92 -3.44
C GLN A 46 18.07 -9.66 -3.77
N ASN A 47 19.26 -9.57 -3.16
CA ASN A 47 20.29 -8.57 -3.56
C ASN A 47 21.25 -9.30 -4.48
N GLY A 48 20.95 -9.29 -5.78
CA GLY A 48 21.65 -10.01 -6.84
C GLY A 48 21.31 -11.46 -6.94
N SER A 49 22.04 -12.16 -7.81
CA SER A 49 21.74 -13.53 -8.26
C SER A 49 22.94 -14.43 -8.00
N SER A 50 23.95 -13.98 -7.24
CA SER A 50 25.10 -14.81 -6.84
C SER A 50 24.61 -16.15 -6.28
N MET A 51 25.19 -17.25 -6.75
CA MET A 51 24.94 -18.57 -6.14
C MET A 51 26.10 -18.95 -5.20
N LYS A 52 27.32 -18.50 -5.53
CA LYS A 52 28.54 -18.73 -4.71
C LYS A 52 29.27 -17.39 -4.56
N PRO A 53 29.17 -16.68 -3.41
CA PRO A 53 28.36 -17.09 -2.26
C PRO A 53 26.87 -16.76 -2.48
N ARG A 54 26.01 -17.23 -1.62
CA ARG A 54 24.56 -17.10 -1.95
C ARG A 54 24.11 -15.66 -1.73
N ALA A 55 23.41 -15.07 -2.72
CA ALA A 55 22.85 -13.69 -2.65
C ALA A 55 22.00 -13.52 -1.37
N ASP A 56 22.13 -12.37 -0.72
CA ASP A 56 21.26 -11.99 0.41
C ASP A 56 19.81 -12.07 -0.08
N VAL A 57 18.94 -12.49 0.82
CA VAL A 57 17.50 -12.57 0.57
C VAL A 57 16.82 -11.64 1.55
N ALA A 58 16.38 -10.49 1.05
CA ALA A 58 15.70 -9.48 1.88
C ALA A 58 14.43 -10.10 2.43
N PHE A 59 13.70 -10.77 1.54
CA PHE A 59 12.39 -11.34 1.89
C PHE A 59 12.28 -12.72 1.24
N HIS A 60 12.25 -13.73 2.08
CA HIS A 60 12.03 -15.16 1.78
C HIS A 60 10.62 -15.45 2.26
N PHE A 61 9.78 -15.79 1.29
CA PHE A 61 8.34 -16.07 1.48
C PHE A 61 8.15 -17.54 1.11
N ASN A 62 7.97 -18.40 2.10
CA ASN A 62 8.18 -19.86 1.96
C ASN A 62 6.97 -20.64 2.47
N PRO A 63 5.94 -20.84 1.62
CA PRO A 63 4.86 -21.76 1.97
C PRO A 63 5.36 -23.20 2.10
N ARG A 64 4.92 -23.84 3.17
CA ARG A 64 5.26 -25.25 3.49
C ARG A 64 3.97 -26.03 3.65
N PHE A 65 3.93 -27.25 3.12
CA PHE A 65 2.67 -28.00 2.98
C PHE A 65 2.53 -29.16 3.99
N LYS A 66 3.59 -29.57 4.67
CA LYS A 66 3.52 -30.69 5.64
C LYS A 66 2.60 -30.33 6.80
N ARG A 67 1.97 -31.33 7.41
CA ARG A 67 1.00 -31.17 8.52
C ARG A 67 -0.14 -30.23 8.07
N ALA A 68 -0.52 -29.29 8.93
CA ALA A 68 -1.61 -28.33 8.67
C ALA A 68 -1.11 -27.17 7.80
N GLY A 69 0.17 -27.19 7.39
CA GLY A 69 0.81 -26.19 6.51
C GLY A 69 1.11 -24.90 7.23
N CYS A 70 2.01 -24.12 6.64
CA CYS A 70 2.33 -22.79 7.18
C CYS A 70 3.03 -21.95 6.13
N ILE A 71 3.32 -20.71 6.48
CA ILE A 71 4.27 -19.87 5.70
C ILE A 71 5.41 -19.45 6.63
N VAL A 72 6.64 -19.73 6.20
CA VAL A 72 7.85 -19.25 6.90
C VAL A 72 8.37 -18.05 6.12
N CYS A 73 8.58 -16.93 6.83
CA CYS A 73 9.24 -15.75 6.27
C CYS A 73 10.54 -15.52 7.03
N ASN A 74 11.57 -15.12 6.29
CA ASN A 74 12.88 -14.88 6.91
C ASN A 74 13.73 -14.04 5.95
N THR A 75 14.94 -13.74 6.42
CA THR A 75 15.91 -12.92 5.70
C THR A 75 17.25 -13.66 5.78
N LEU A 76 17.93 -13.76 4.65
CA LEU A 76 19.32 -14.33 4.60
C LEU A 76 20.30 -13.18 4.41
N ILE A 77 21.18 -12.98 5.40
CA ILE A 77 22.28 -11.97 5.34
C ILE A 77 23.62 -12.67 5.51
N ASN A 78 24.50 -12.50 4.52
CA ASN A 78 25.85 -13.12 4.59
C ASN A 78 25.70 -14.63 4.85
N GLU A 79 24.70 -15.24 4.20
CA GLU A 79 24.55 -16.73 4.15
C GLU A 79 24.06 -17.25 5.50
N LYS A 80 23.54 -16.37 6.38
CA LYS A 80 22.88 -16.81 7.64
C LYS A 80 21.41 -16.37 7.69
N TRP A 81 20.52 -17.30 8.01
CA TRP A 81 19.07 -17.03 8.23
C TRP A 81 18.87 -16.31 9.56
N GLY A 82 17.95 -15.36 9.62
CA GLY A 82 17.54 -14.67 10.86
C GLY A 82 16.40 -15.38 11.59
N ARG A 83 15.67 -14.63 12.43
CA ARG A 83 14.51 -15.11 13.25
CA ARG A 83 14.54 -15.15 13.24
C ARG A 83 13.39 -15.47 12.28
N GLU A 84 12.94 -16.70 12.28
CA GLU A 84 11.80 -17.08 11.43
C GLU A 84 10.54 -16.38 11.95
N GLU A 85 9.73 -15.80 11.03
CA GLU A 85 8.36 -15.34 11.33
C GLU A 85 7.40 -16.34 10.70
N ILE A 86 6.68 -17.11 11.51
CA ILE A 86 5.82 -18.19 10.96
C ILE A 86 4.34 -17.79 11.06
N THR A 87 3.65 -17.95 9.94
CA THR A 87 2.21 -17.73 9.79
C THR A 87 1.57 -19.12 9.68
N TYR A 88 0.75 -19.50 10.64
CA TYR A 88 0.04 -20.81 10.61
C TYR A 88 -1.23 -20.71 9.79
N ASP A 89 -1.85 -19.54 9.73
CA ASP A 89 -3.09 -19.29 8.96
C ASP A 89 -2.69 -19.14 7.49
N THR A 90 -2.61 -20.26 6.75
CA THR A 90 -2.05 -20.32 5.38
C THR A 90 -3.17 -20.60 4.39
N PRO A 91 -3.26 -19.83 3.29
CA PRO A 91 -4.29 -20.04 2.27
C PRO A 91 -3.85 -21.03 1.19
N PHE A 92 -2.59 -21.45 1.20
CA PHE A 92 -2.07 -22.32 0.13
C PHE A 92 -2.42 -23.77 0.43
N LYS A 93 -2.68 -24.50 -0.64
CA LYS A 93 -3.01 -25.94 -0.59
C LYS A 93 -2.44 -26.61 -1.84
N ARG A 94 -2.04 -27.85 -1.62
CA ARG A 94 -1.67 -28.76 -2.72
C ARG A 94 -2.80 -28.73 -3.74
N GLU A 95 -2.43 -28.70 -5.00
CA GLU A 95 -3.32 -28.80 -6.17
C GLU A 95 -4.33 -27.64 -6.17
N LYS A 96 -3.97 -26.48 -5.64
CA LYS A 96 -4.81 -25.26 -5.77
C LYS A 96 -4.01 -24.10 -6.37
N SER A 97 -4.68 -23.28 -7.15
CA SER A 97 -4.16 -22.06 -7.79
C SER A 97 -4.19 -20.90 -6.80
N PHE A 98 -3.28 -19.95 -7.04
CA PHE A 98 -3.13 -18.77 -6.18
C PHE A 98 -2.79 -17.53 -6.99
N GLU A 99 -3.12 -16.39 -6.38
CA GLU A 99 -2.56 -15.08 -6.77
C GLU A 99 -1.96 -14.46 -5.52
N ILE A 100 -0.64 -14.25 -5.54
CA ILE A 100 0.09 -13.53 -4.48
C ILE A 100 0.24 -12.09 -4.91
N VAL A 101 -0.09 -11.20 -4.00
CA VAL A 101 0.19 -9.76 -4.17
C VAL A 101 1.09 -9.32 -3.01
N ILE A 102 2.33 -8.94 -3.36
CA ILE A 102 3.29 -8.35 -2.38
C ILE A 102 3.22 -6.86 -2.57
N MET A 103 2.77 -6.17 -1.53
CA MET A 103 2.77 -4.69 -1.49
CA MET A 103 2.76 -4.69 -1.47
C MET A 103 4.01 -4.25 -0.72
N VAL A 104 4.84 -3.48 -1.37
CA VAL A 104 6.05 -2.91 -0.72
C VAL A 104 5.66 -1.61 -0.05
N LEU A 105 5.74 -1.57 1.26
CA LEU A 105 5.49 -0.31 1.99
C LEU A 105 6.82 0.21 2.53
N LYS A 106 6.78 1.41 3.09
CA LYS A 106 7.98 2.11 3.62
C LYS A 106 8.73 1.14 4.55
N ASP A 107 8.03 0.50 5.48
CA ASP A 107 8.68 -0.23 6.61
C ASP A 107 8.43 -1.74 6.57
N LYS A 108 7.65 -2.25 5.61
CA LYS A 108 7.27 -3.68 5.64
C LYS A 108 6.75 -4.08 4.27
N PHE A 109 6.70 -5.38 4.05
CA PHE A 109 5.91 -6.00 2.98
C PHE A 109 4.56 -6.37 3.58
N GLN A 110 3.54 -6.26 2.75
CA GLN A 110 2.20 -6.71 3.11
C GLN A 110 1.75 -7.65 1.99
N VAL A 111 1.42 -8.88 2.36
CA VAL A 111 1.13 -9.92 1.37
C VAL A 111 -0.35 -10.32 1.49
N ALA A 112 -1.02 -10.38 0.34
CA ALA A 112 -2.39 -10.87 0.24
C ALA A 112 -2.37 -12.05 -0.74
N VAL A 113 -3.16 -13.08 -0.47
CA VAL A 113 -3.30 -14.22 -1.41
C VAL A 113 -4.77 -14.38 -1.77
N ASN A 114 -5.07 -14.41 -3.06
CA ASN A 114 -6.48 -14.58 -3.52
C ASN A 114 -7.32 -13.44 -2.92
N GLY A 115 -6.78 -12.23 -2.78
CA GLY A 115 -7.52 -11.05 -2.31
C GLY A 115 -7.72 -11.00 -0.80
N LYS A 116 -7.16 -11.93 -0.03
CA LYS A 116 -7.33 -11.97 1.45
C LYS A 116 -5.93 -11.71 2.07
N HIS A 117 -5.88 -10.79 3.01
CA HIS A 117 -4.65 -10.48 3.77
C HIS A 117 -4.06 -11.76 4.34
N THR A 118 -2.73 -11.93 4.21
CA THR A 118 -2.08 -13.17 4.64
C THR A 118 -1.06 -12.84 5.74
N LEU A 119 -0.14 -11.92 5.47
CA LEU A 119 0.87 -11.58 6.50
C LEU A 119 1.56 -10.26 6.20
N LEU A 120 2.32 -9.79 7.22
CA LEU A 120 3.19 -8.61 7.15
C LEU A 120 4.60 -9.11 7.48
N TYR A 121 5.57 -8.46 6.88
CA TYR A 121 7.01 -8.70 7.17
C TYR A 121 7.78 -7.38 7.15
N GLY A 122 8.31 -7.02 8.31
CA GLY A 122 9.14 -5.81 8.46
C GLY A 122 10.43 -5.92 7.67
N HIS A 123 10.84 -4.86 7.01
CA HIS A 123 12.14 -4.81 6.30
C HIS A 123 13.27 -5.04 7.30
N ARG A 124 14.16 -5.97 6.98
CA ARG A 124 15.43 -6.18 7.70
C ARG A 124 16.61 -5.69 6.87
N ILE A 125 16.52 -5.79 5.55
CA ILE A 125 17.39 -5.15 4.53
C ILE A 125 16.56 -4.05 3.88
N GLY A 126 17.18 -2.89 3.63
CA GLY A 126 16.47 -1.80 2.94
C GLY A 126 15.92 -2.32 1.61
N PRO A 127 14.65 -2.10 1.26
CA PRO A 127 14.12 -2.72 0.02
C PRO A 127 14.73 -2.11 -1.25
N GLU A 128 15.42 -0.98 -1.11
CA GLU A 128 16.15 -0.35 -2.23
C GLU A 128 17.30 -1.26 -2.67
N LYS A 129 17.77 -2.18 -1.82
CA LYS A 129 18.90 -3.08 -2.19
C LYS A 129 18.42 -4.30 -2.98
N ILE A 130 17.10 -4.51 -3.09
CA ILE A 130 16.54 -5.66 -3.84
C ILE A 130 16.55 -5.36 -5.32
N ASP A 131 17.14 -6.28 -6.10
CA ASP A 131 17.17 -6.09 -7.55
C ASP A 131 16.89 -7.39 -8.28
N THR A 132 16.56 -8.47 -7.57
CA THR A 132 16.39 -9.80 -8.20
C THR A 132 15.18 -10.50 -7.55
N LEU A 133 14.41 -11.21 -8.34
CA LEU A 133 13.33 -12.08 -7.85
C LEU A 133 13.64 -13.52 -8.27
N GLY A 134 13.67 -14.40 -7.29
CA GLY A 134 13.79 -15.84 -7.49
C GLY A 134 12.53 -16.57 -7.04
N ILE A 135 12.15 -17.59 -7.81
CA ILE A 135 11.14 -18.55 -7.36
C ILE A 135 11.72 -19.96 -7.51
N TYR A 136 11.64 -20.70 -6.42
CA TYR A 136 12.27 -22.03 -6.33
C TYR A 136 11.26 -23.02 -5.72
N GLY A 137 11.46 -24.29 -6.04
CA GLY A 137 10.78 -25.39 -5.36
C GLY A 137 9.62 -25.94 -6.19
N LYS A 138 8.71 -26.62 -5.51
CA LYS A 138 7.60 -27.35 -6.19
C LYS A 138 6.41 -26.40 -6.36
N VAL A 139 6.40 -25.70 -7.49
CA VAL A 139 5.38 -24.69 -7.83
C VAL A 139 5.39 -24.49 -9.33
N ASN A 140 4.21 -24.24 -9.89
N ASN A 140 4.21 -24.25 -9.89
CA ASN A 140 3.94 -23.86 -11.30
CA ASN A 140 4.15 -23.80 -11.40
C ASN A 140 3.60 -22.37 -11.30
C ASN A 140 3.62 -22.36 -11.28
N ILE A 141 4.34 -21.53 -12.02
CA ILE A 141 4.15 -20.07 -12.06
C ILE A 141 3.55 -19.73 -13.43
N HIS A 142 2.39 -19.10 -13.40
CA HIS A 142 1.73 -18.64 -14.64
C HIS A 142 2.28 -17.26 -15.03
N SER A 143 2.49 -16.36 -14.07
CA SER A 143 2.94 -14.98 -14.39
C SER A 143 3.57 -14.30 -13.17
N ILE A 144 4.55 -13.46 -13.49
CA ILE A 144 5.19 -12.54 -12.53
C ILE A 144 5.16 -11.13 -13.11
N GLY A 145 4.60 -10.19 -12.35
CA GLY A 145 4.43 -8.81 -12.82
C GLY A 145 4.68 -7.82 -11.72
N PHE A 146 5.05 -6.63 -12.11
CA PHE A 146 5.25 -5.49 -11.20
C PHE A 146 4.37 -4.32 -11.61
N SER A 147 3.85 -3.65 -10.61
CA SER A 147 3.22 -2.35 -10.79
C SER A 147 4.09 -1.37 -10.02
N PHE A 148 5.02 -0.70 -10.71
CA PHE A 148 6.01 0.19 -10.05
C PHE A 148 5.37 1.52 -9.71
N SER A 149 5.66 1.99 -8.50
CA SER A 149 5.39 3.36 -7.99
C SER A 149 5.78 4.38 -9.05
N SER A 150 7.02 4.27 -9.55
CA SER A 150 7.68 5.25 -10.46
C SER A 150 6.95 5.35 -11.81
N ASP A 151 6.16 4.34 -12.20
CA ASP A 151 5.35 4.35 -13.45
C ASP A 151 3.98 4.98 -13.16
N ASN B 1 -27.04 9.48 11.31
CA ASN B 1 -25.64 10.00 11.59
C ASN B 1 -25.03 9.36 12.85
N ASN B 2 -24.42 8.19 12.70
CA ASN B 2 -23.66 7.50 13.77
C ASN B 2 -22.17 7.91 13.76
N LEU B 3 -21.75 9.06 13.18
CA LEU B 3 -20.29 9.28 13.07
C LEU B 3 -19.72 9.62 14.44
N GLN B 4 -18.40 9.45 14.57
CA GLN B 4 -17.66 9.59 15.86
C GLN B 4 -16.70 10.79 15.79
N ASN B 5 -16.53 11.42 16.94
CA ASN B 5 -15.64 12.61 17.10
C ASN B 5 -15.93 13.67 16.03
N ILE B 6 -17.19 13.99 15.87
N ILE B 6 -17.19 13.99 15.86
CA ILE B 6 -17.63 14.98 14.87
CA ILE B 6 -17.61 15.00 14.88
C ILE B 6 -17.33 16.38 15.42
C ILE B 6 -17.31 16.37 15.44
N ILE B 7 -16.59 17.18 14.66
CA ILE B 7 -16.35 18.60 14.96
C ILE B 7 -16.80 19.47 13.80
N TYR B 8 -17.13 20.72 14.10
CA TYR B 8 -17.69 21.68 13.12
C TYR B 8 -16.77 22.88 12.97
N ASN B 9 -16.72 23.41 11.75
CA ASN B 9 -16.09 24.69 11.37
C ASN B 9 -14.71 24.81 12.00
N PRO B 10 -13.83 23.82 11.81
CA PRO B 10 -12.47 23.98 12.31
C PRO B 10 -11.76 25.14 11.60
N VAL B 11 -10.83 25.77 12.30
CA VAL B 11 -9.93 26.80 11.71
C VAL B 11 -9.01 26.10 10.71
N ILE B 12 -8.78 26.73 9.55
CA ILE B 12 -7.83 26.22 8.53
C ILE B 12 -6.62 27.15 8.55
N PRO B 13 -5.37 26.63 8.60
CA PRO B 13 -5.08 25.19 8.59
C PRO B 13 -5.48 24.43 9.86
N PHE B 14 -5.92 23.18 9.66
CA PHE B 14 -6.35 22.26 10.74
C PHE B 14 -5.31 21.15 10.85
N VAL B 15 -4.92 20.84 12.07
CA VAL B 15 -4.04 19.67 12.35
C VAL B 15 -4.60 19.04 13.61
N GLY B 16 -5.23 17.89 13.46
CA GLY B 16 -5.88 17.23 14.59
C GLY B 16 -5.49 15.78 14.69
N THR B 17 -5.48 15.29 15.90
CA THR B 17 -5.22 13.86 16.18
C THR B 17 -6.42 13.03 15.76
N ILE B 18 -6.15 11.99 15.04
CA ILE B 18 -7.22 11.03 14.66
C ILE B 18 -7.48 10.15 15.87
N PRO B 19 -8.74 10.10 16.34
CA PRO B 19 -8.99 9.52 17.66
C PRO B 19 -9.00 7.99 17.77
N ASP B 20 -8.78 7.27 16.68
CA ASP B 20 -8.54 5.81 16.74
C ASP B 20 -7.73 5.40 15.51
N GLN B 21 -7.36 4.13 15.43
CA GLN B 21 -6.50 3.61 14.33
CA GLN B 21 -6.52 3.59 14.33
C GLN B 21 -7.34 3.51 13.05
N LEU B 22 -6.71 3.75 11.92
CA LEU B 22 -7.35 3.66 10.57
C LEU B 22 -7.33 2.19 10.15
N ASP B 23 -8.13 1.38 10.80
CA ASP B 23 -8.28 -0.06 10.48
C ASP B 23 -9.14 -0.20 9.22
N PRO B 24 -9.04 -1.34 8.51
CA PRO B 24 -9.87 -1.61 7.36
C PRO B 24 -11.37 -1.41 7.69
N GLY B 25 -12.00 -0.63 6.83
CA GLY B 25 -13.40 -0.24 6.98
C GLY B 25 -13.60 1.11 7.58
N THR B 26 -12.55 1.70 8.16
CA THR B 26 -12.65 3.05 8.76
C THR B 26 -13.06 4.06 7.68
N LEU B 27 -13.93 4.97 8.06
CA LEU B 27 -14.28 6.13 7.24
C LEU B 27 -13.74 7.43 7.89
N ILE B 28 -13.30 8.31 7.03
CA ILE B 28 -13.07 9.75 7.39
C ILE B 28 -14.04 10.56 6.52
N VAL B 29 -14.90 11.34 7.12
CA VAL B 29 -15.96 12.06 6.38
C VAL B 29 -15.78 13.56 6.59
N ILE B 30 -15.53 14.27 5.51
CA ILE B 30 -15.17 15.71 5.57
C ILE B 30 -16.14 16.44 4.66
N ARG B 31 -16.90 17.36 5.23
N ARG B 31 -16.93 17.34 5.24
CA ARG B 31 -17.88 18.19 4.48
CA ARG B 31 -17.88 18.21 4.49
C ARG B 31 -17.32 19.60 4.42
C ARG B 31 -17.29 19.60 4.42
N GLY B 32 -17.40 20.24 3.26
CA GLY B 32 -16.87 21.59 3.07
C GLY B 32 -17.31 22.22 1.78
N HIS B 33 -16.64 23.30 1.42
CA HIS B 33 -16.88 24.03 0.16
C HIS B 33 -15.57 24.64 -0.33
N VAL B 34 -15.47 24.73 -1.67
CA VAL B 34 -14.28 25.28 -2.35
C VAL B 34 -14.55 26.75 -2.59
N PRO B 35 -13.75 27.67 -2.01
CA PRO B 35 -13.91 29.09 -2.31
C PRO B 35 -13.64 29.39 -3.81
N SER B 36 -14.17 30.49 -4.32
CA SER B 36 -14.25 30.81 -5.78
C SER B 36 -12.85 31.02 -6.40
N ASP B 37 -11.86 31.41 -5.59
CA ASP B 37 -10.48 31.66 -6.10
C ASP B 37 -9.52 30.54 -5.65
N ALA B 38 -10.01 29.34 -5.32
CA ALA B 38 -9.13 28.26 -4.84
C ALA B 38 -8.14 27.92 -5.97
N ASP B 39 -6.87 27.81 -5.62
CA ASP B 39 -5.81 27.25 -6.47
C ASP B 39 -5.74 25.73 -6.18
N ARG B 40 -5.74 25.38 -4.90
CA ARG B 40 -5.59 23.99 -4.41
C ARG B 40 -5.90 23.97 -2.92
N PHE B 41 -6.25 22.80 -2.41
CA PHE B 41 -6.25 22.51 -0.96
C PHE B 41 -5.79 21.07 -0.84
N GLN B 42 -5.57 20.64 0.38
CA GLN B 42 -5.12 19.23 0.57
C GLN B 42 -5.67 18.72 1.89
N VAL B 43 -5.95 17.44 1.87
CA VAL B 43 -6.24 16.59 3.05
C VAL B 43 -5.06 15.63 3.14
N ASP B 44 -4.30 15.75 4.23
CA ASP B 44 -3.10 14.92 4.47
C ASP B 44 -3.34 14.01 5.68
N LEU B 45 -3.10 12.73 5.50
CA LEU B 45 -3.15 11.74 6.58
C LEU B 45 -1.68 11.51 6.91
N GLN B 46 -1.32 12.01 8.09
CA GLN B 46 0.08 12.19 8.51
C GLN B 46 0.46 11.21 9.61
N ASN B 47 1.74 10.93 9.67
CA ASN B 47 2.39 10.25 10.80
C ASN B 47 3.00 11.36 11.70
N GLY B 48 2.20 11.88 12.60
CA GLY B 48 2.52 12.99 13.49
C GLY B 48 2.32 14.36 12.87
N SER B 49 2.79 15.39 13.57
CA SER B 49 2.51 16.80 13.27
C SER B 49 3.82 17.62 13.27
N SER B 50 4.97 16.95 13.19
CA SER B 50 6.25 17.63 13.09
C SER B 50 6.22 18.58 11.90
N MET B 51 6.74 19.79 12.08
CA MET B 51 6.86 20.75 10.96
C MET B 51 8.30 20.75 10.46
N LYS B 52 9.29 20.65 11.35
CA LYS B 52 10.72 20.53 10.96
C LYS B 52 11.29 19.42 11.84
N PRO B 53 11.63 18.24 11.28
CA PRO B 53 11.40 17.94 9.87
C PRO B 53 9.92 17.68 9.57
N ARG B 54 9.55 17.74 8.32
CA ARG B 54 8.11 17.61 8.00
C ARG B 54 7.62 16.17 8.22
N ALA B 55 6.51 15.99 8.95
CA ALA B 55 5.86 14.68 9.20
C ALA B 55 5.62 13.96 7.88
N ASP B 56 5.88 12.66 7.86
CA ASP B 56 5.52 11.83 6.67
C ASP B 56 4.02 11.99 6.44
N VAL B 57 3.68 11.98 5.16
CA VAL B 57 2.27 12.07 4.73
C VAL B 57 1.95 10.77 3.98
N ALA B 58 1.20 9.89 4.65
CA ALA B 58 0.85 8.58 4.02
C ALA B 58 -0.01 8.86 2.79
N PHE B 59 -0.96 9.78 2.92
CA PHE B 59 -1.92 10.05 1.83
C PHE B 59 -2.15 11.55 1.78
N HIS B 60 -1.63 12.13 0.72
CA HIS B 60 -1.83 13.53 0.30
C HIS B 60 -2.87 13.51 -0.81
N PHE B 61 -4.02 14.09 -0.51
CA PHE B 61 -5.21 14.17 -1.38
C PHE B 61 -5.37 15.64 -1.71
N ASN B 62 -5.01 15.99 -2.95
CA ASN B 62 -4.71 17.41 -3.31
C ASN B 62 -5.50 17.78 -4.56
N PRO B 63 -6.77 18.19 -4.40
CA PRO B 63 -7.51 18.79 -5.51
C PRO B 63 -6.81 20.09 -5.94
N ARG B 64 -6.66 20.25 -7.26
CA ARG B 64 -6.11 21.44 -7.90
C ARG B 64 -7.13 21.92 -8.93
N PHE B 65 -7.27 23.23 -9.05
CA PHE B 65 -8.40 23.86 -9.78
C PHE B 65 -7.98 24.52 -11.10
N LYS B 66 -6.69 24.73 -11.36
CA LYS B 66 -6.26 25.41 -12.62
C LYS B 66 -6.63 24.56 -13.83
N ARG B 67 -6.88 25.20 -14.99
CA ARG B 67 -7.25 24.51 -16.27
C ARG B 67 -8.50 23.64 -16.05
N ALA B 68 -8.47 22.39 -16.52
CA ALA B 68 -9.61 21.45 -16.40
C ALA B 68 -9.67 20.88 -14.97
N GLY B 69 -8.70 21.24 -14.10
CA GLY B 69 -8.59 20.74 -12.73
C GLY B 69 -8.12 19.30 -12.65
N CYS B 70 -7.87 18.83 -11.45
CA CYS B 70 -7.40 17.44 -11.24
C CYS B 70 -7.30 17.19 -9.72
N ILE B 71 -7.09 15.94 -9.38
CA ILE B 71 -6.65 15.60 -8.00
C ILE B 71 -5.26 14.98 -8.12
N VAL B 72 -4.32 15.52 -7.34
CA VAL B 72 -2.95 14.92 -7.22
C VAL B 72 -2.93 14.14 -5.92
N CYS B 73 -2.58 12.86 -5.99
CA CYS B 73 -2.35 12.04 -4.80
C CYS B 73 -0.86 11.65 -4.75
N ASN B 74 -0.30 11.73 -3.55
CA ASN B 74 1.13 11.42 -3.38
C ASN B 74 1.37 11.07 -1.93
N THR B 75 2.61 10.69 -1.64
CA THR B 75 3.07 10.30 -0.31
C THR B 75 4.38 11.08 -0.05
N LEU B 76 4.53 11.63 1.15
CA LEU B 76 5.81 12.27 1.54
C LEU B 76 6.51 11.36 2.52
N ILE B 77 7.72 10.93 2.16
CA ILE B 77 8.57 10.08 3.04
C ILE B 77 9.93 10.79 3.22
N ASN B 78 10.31 11.04 4.47
CA ASN B 78 11.61 11.69 4.78
C ASN B 78 11.75 12.96 3.93
N GLU B 79 10.66 13.72 3.85
CA GLU B 79 10.62 15.08 3.23
C GLU B 79 10.81 14.99 1.73
N LYS B 80 10.63 13.82 1.12
CA LYS B 80 10.67 13.66 -0.36
C LYS B 80 9.32 13.14 -0.88
N TRP B 81 8.75 13.82 -1.88
CA TRP B 81 7.49 13.38 -2.51
C TRP B 81 7.77 12.20 -3.43
N GLY B 82 6.84 11.27 -3.54
CA GLY B 82 6.96 10.15 -4.49
C GLY B 82 6.39 10.49 -5.87
N ARG B 83 6.04 9.45 -6.63
CA ARG B 83 5.45 9.58 -7.98
C ARG B 83 4.01 10.05 -7.78
N GLU B 84 3.65 11.14 -8.42
CA GLU B 84 2.26 11.64 -8.36
C GLU B 84 1.34 10.63 -9.06
N GLU B 85 0.17 10.39 -8.45
CA GLU B 85 -0.97 9.70 -9.12
C GLU B 85 -2.02 10.76 -9.40
N ILE B 86 -2.22 11.12 -10.66
CA ILE B 86 -3.12 12.26 -10.96
C ILE B 86 -4.43 11.73 -11.54
N THR B 87 -5.51 12.14 -10.91
CA THR B 87 -6.88 11.84 -11.36
C THR B 87 -7.37 13.08 -12.09
N TYR B 88 -7.54 12.98 -13.40
CA TYR B 88 -8.05 14.13 -14.19
C TYR B 88 -9.58 14.22 -14.07
N ASP B 89 -10.28 13.11 -13.81
CA ASP B 89 -11.75 13.18 -13.61
C ASP B 89 -11.99 13.65 -12.18
N THR B 90 -12.10 14.97 -12.00
CA THR B 90 -12.28 15.58 -10.65
C THR B 90 -13.70 16.03 -10.41
N PRO B 91 -14.29 15.70 -9.25
CA PRO B 91 -15.64 16.15 -8.89
C PRO B 91 -15.67 17.54 -8.25
N PHE B 92 -14.47 18.07 -7.91
CA PHE B 92 -14.42 19.34 -7.17
C PHE B 92 -14.52 20.49 -8.15
N LYS B 93 -15.10 21.56 -7.66
CA LYS B 93 -15.28 22.77 -8.46
C LYS B 93 -15.32 23.97 -7.53
N ARG B 94 -14.68 25.05 -7.94
CA ARG B 94 -14.80 26.35 -7.26
C ARG B 94 -16.27 26.65 -6.98
N GLU B 95 -16.55 27.11 -5.76
N GLU B 95 -16.55 27.10 -5.75
CA GLU B 95 -17.88 27.52 -5.25
CA GLU B 95 -17.87 27.50 -5.17
C GLU B 95 -18.84 26.33 -5.07
C GLU B 95 -18.83 26.33 -4.97
N LYS B 96 -18.39 25.09 -5.18
CA LYS B 96 -19.29 23.92 -4.96
C LYS B 96 -18.97 23.26 -3.61
N SER B 97 -20.00 22.86 -2.89
CA SER B 97 -19.91 22.07 -1.64
C SER B 97 -19.59 20.61 -1.97
N PHE B 98 -18.95 19.97 -1.00
CA PHE B 98 -18.53 18.56 -1.11
C PHE B 98 -18.69 17.83 0.21
N GLU B 99 -18.85 16.52 0.06
CA GLU B 99 -18.72 15.53 1.15
C GLU B 99 -17.68 14.54 0.64
N ILE B 100 -16.52 14.52 1.29
CA ILE B 100 -15.45 13.52 1.03
C ILE B 100 -15.63 12.39 2.01
N VAL B 101 -15.63 11.18 1.47
CA VAL B 101 -15.60 9.96 2.30
C VAL B 101 -14.37 9.18 1.88
N ILE B 102 -13.41 9.07 2.78
CA ILE B 102 -12.20 8.25 2.59
C ILE B 102 -12.44 6.97 3.35
N MET B 103 -12.53 5.89 2.62
CA MET B 103 -12.62 4.53 3.20
CA MET B 103 -12.62 4.53 3.18
C MET B 103 -11.21 3.93 3.18
N VAL B 104 -10.78 3.49 4.34
CA VAL B 104 -9.50 2.81 4.47
C VAL B 104 -9.71 1.31 4.23
N LEU B 105 -9.03 0.77 3.23
CA LEU B 105 -9.03 -0.69 3.01
C LEU B 105 -7.65 -1.24 3.36
N LYS B 106 -7.52 -2.55 3.41
CA LYS B 106 -6.25 -3.18 3.84
C LYS B 106 -5.13 -2.73 2.89
N ASP B 107 -5.39 -2.52 1.60
CA ASP B 107 -4.33 -2.30 0.58
C ASP B 107 -4.41 -0.92 -0.10
N LYS B 108 -5.42 -0.11 0.16
CA LYS B 108 -5.63 1.16 -0.57
C LYS B 108 -6.63 2.02 0.20
N PHE B 109 -6.68 3.28 -0.18
CA PHE B 109 -7.79 4.18 0.15
C PHE B 109 -8.76 4.17 -1.03
N GLN B 110 -10.04 4.27 -0.69
N GLN B 110 -10.06 4.09 -0.72
CA GLN B 110 -11.12 4.41 -1.70
CA GLN B 110 -11.17 4.42 -1.67
C GLN B 110 -11.89 5.66 -1.32
C GLN B 110 -11.77 5.75 -1.25
N VAL B 111 -11.86 6.66 -2.19
CA VAL B 111 -12.45 7.98 -1.90
C VAL B 111 -13.68 8.17 -2.78
N ALA B 112 -14.76 8.55 -2.14
CA ALA B 112 -16.00 8.99 -2.83
C ALA B 112 -16.24 10.47 -2.52
N VAL B 113 -16.78 11.21 -3.47
CA VAL B 113 -17.18 12.63 -3.24
C VAL B 113 -18.66 12.77 -3.60
N ASN B 114 -19.48 13.27 -2.68
CA ASN B 114 -20.94 13.43 -2.90
C ASN B 114 -21.49 12.08 -3.35
N GLY B 115 -21.03 10.99 -2.74
CA GLY B 115 -21.57 9.63 -2.98
C GLY B 115 -21.13 9.00 -4.28
N LYS B 116 -20.23 9.60 -5.04
CA LYS B 116 -19.74 9.06 -6.33
C LYS B 116 -18.28 8.66 -6.15
N HIS B 117 -17.92 7.47 -6.59
CA HIS B 117 -16.56 6.95 -6.55
C HIS B 117 -15.65 7.93 -7.28
N THR B 118 -14.53 8.30 -6.65
CA THR B 118 -13.64 9.33 -7.22
C THR B 118 -12.32 8.67 -7.60
N LEU B 119 -11.65 8.01 -6.63
CA LEU B 119 -10.35 7.40 -6.94
C LEU B 119 -9.96 6.36 -5.90
N LEU B 120 -8.95 5.60 -6.27
CA LEU B 120 -8.23 4.63 -5.41
C LEU B 120 -6.79 5.10 -5.27
N TYR B 121 -6.21 4.84 -4.12
CA TYR B 121 -4.79 5.15 -3.88
C TYR B 121 -4.20 4.02 -3.03
N GLY B 122 -3.29 3.31 -3.65
CA GLY B 122 -2.63 2.16 -3.01
C GLY B 122 -1.76 2.66 -1.86
N HIS B 123 -1.74 1.93 -0.77
CA HIS B 123 -0.90 2.32 0.39
C HIS B 123 0.58 2.34 -0.03
N ARG B 124 1.32 3.33 0.51
CA ARG B 124 2.80 3.37 0.39
C ARG B 124 3.42 3.30 1.79
N ILE B 125 2.75 3.92 2.78
CA ILE B 125 3.04 3.74 4.23
C ILE B 125 1.89 2.96 4.88
N GLY B 126 2.20 2.02 5.76
CA GLY B 126 1.19 1.25 6.49
C GLY B 126 0.21 2.20 7.15
N PRO B 127 -1.12 2.02 6.97
CA PRO B 127 -2.05 3.00 7.52
C PRO B 127 -2.08 3.07 9.06
N GLU B 128 -1.52 2.07 9.73
CA GLU B 128 -1.43 2.03 11.20
C GLU B 128 -0.48 3.15 11.65
N LYS B 129 0.34 3.69 10.76
CA LYS B 129 1.29 4.80 11.12
C LYS B 129 0.63 6.17 11.11
N ILE B 130 -0.63 6.25 10.65
CA ILE B 130 -1.36 7.53 10.53
C ILE B 130 -2.04 7.85 11.85
N ASP B 131 -1.75 9.02 12.40
CA ASP B 131 -2.37 9.45 13.66
C ASP B 131 -2.87 10.88 13.55
N THR B 132 -2.65 11.58 12.43
CA THR B 132 -2.91 13.04 12.32
C THR B 132 -3.66 13.32 11.01
N LEU B 133 -4.63 14.22 11.08
CA LEU B 133 -5.37 14.73 9.92
C LEU B 133 -5.00 16.20 9.78
N GLY B 134 -4.36 16.54 8.66
CA GLY B 134 -4.11 17.94 8.29
C GLY B 134 -5.03 18.34 7.16
N ILE B 135 -5.61 19.52 7.24
CA ILE B 135 -6.31 20.13 6.09
C ILE B 135 -5.75 21.52 5.90
N TYR B 136 -5.24 21.77 4.71
CA TYR B 136 -4.52 23.02 4.41
C TYR B 136 -4.97 23.60 3.07
N GLY B 137 -4.79 24.90 2.90
CA GLY B 137 -5.00 25.54 1.60
C GLY B 137 -6.33 26.28 1.53
N LYS B 138 -6.79 26.50 0.31
CA LYS B 138 -7.99 27.35 0.05
C LYS B 138 -9.22 26.46 0.09
N VAL B 139 -9.79 26.31 1.28
CA VAL B 139 -10.96 25.41 1.55
C VAL B 139 -11.67 25.89 2.81
N ASN B 140 -12.97 25.69 2.90
CA ASN B 140 -13.76 25.87 4.15
C ASN B 140 -14.27 24.48 4.49
N ILE B 141 -14.06 24.06 5.72
CA ILE B 141 -14.47 22.75 6.26
C ILE B 141 -15.63 22.99 7.21
N HIS B 142 -16.78 22.42 6.84
CA HIS B 142 -18.01 22.52 7.67
C HIS B 142 -17.95 21.53 8.82
N SER B 143 -17.53 20.28 8.53
CA SER B 143 -17.48 19.22 9.55
C SER B 143 -16.48 18.13 9.21
N ILE B 144 -16.07 17.43 10.26
CA ILE B 144 -15.16 16.26 10.18
C ILE B 144 -15.70 15.23 11.14
N GLY B 145 -15.87 13.99 10.68
CA GLY B 145 -16.16 12.90 11.62
C GLY B 145 -15.65 11.59 11.06
N PHE B 146 -15.73 10.56 11.88
CA PHE B 146 -15.10 9.27 11.63
C PHE B 146 -16.08 8.11 11.86
N SER B 147 -15.83 7.00 11.22
CA SER B 147 -16.48 5.73 11.51
C SER B 147 -15.39 4.68 11.68
N PHE B 148 -15.16 4.26 12.89
CA PHE B 148 -14.06 3.32 13.23
C PHE B 148 -14.51 1.87 13.13
N SER B 149 -13.59 0.96 12.82
N SER B 149 -13.52 0.97 13.09
CA SER B 149 -13.90 -0.49 12.66
CA SER B 149 -13.66 -0.50 13.09
C SER B 149 -13.21 -1.29 13.76
C SER B 149 -12.97 -1.08 14.32
#